data_2ZBR
#
_entry.id   2ZBR
#
_cell.length_a   82.279
_cell.length_b   75.480
_cell.length_c   62.042
_cell.angle_alpha   90.00
_cell.angle_beta   130.67
_cell.angle_gamma   90.00
#
_symmetry.space_group_name_H-M   'C 1 2 1'
#
loop_
_entity.id
_entity.type
_entity.pdbx_description
1 polymer 'Ribosomal protein L11 methyltransferase'
2 non-polymer SINEFUNGIN
3 water water
#
_entity_poly.entity_id   1
_entity_poly.type   'polypeptide(L)'
_entity_poly.pdbx_seq_one_letter_code
;MWVYRLKGTLEALDPILPGLFDGGARGLWEREGEVWAFFPAPVDLPYEGVWEEVGDEDWLEAWRRDLKPALAPPFVVLAP
WHTWEGAEIPLVIEPGMAFGTGHHETTRLALKALARHLRPGDKVLDLGTGSGVLAIAAEKLGGKALGVDIDPMVLPQAEA
NAKRNGVRPRFLEGSLEAALPFGPFDLLVANLYAELHAALAPRYREALVPGGRALLTGILKDRAPLVREAMAGAGFRPLE
EAAEGEWVLLAYGR
;
_entity_poly.pdbx_strand_id   A
#
# COMPACT_ATOMS: atom_id res chain seq x y z
N MET A 1 24.33 -12.48 -10.37
CA MET A 1 24.23 -13.85 -10.97
C MET A 1 23.55 -13.76 -12.34
N TRP A 2 23.55 -14.88 -13.05
CA TRP A 2 23.01 -14.97 -14.40
C TRP A 2 21.92 -16.05 -14.50
N VAL A 3 20.97 -15.83 -15.39
CA VAL A 3 19.95 -16.84 -15.65
C VAL A 3 20.18 -17.44 -17.06
N TYR A 4 19.90 -18.72 -17.17
CA TYR A 4 19.96 -19.46 -18.44
C TYR A 4 18.48 -19.84 -18.62
N ARG A 5 17.80 -19.20 -19.58
CA ARG A 5 16.39 -19.50 -19.85
C ARG A 5 16.22 -20.56 -20.95
N LEU A 6 15.39 -21.57 -20.66
CA LEU A 6 15.09 -22.66 -21.58
C LEU A 6 13.56 -22.76 -21.78
N LYS A 7 13.13 -22.94 -23.03
CA LYS A 7 11.71 -23.09 -23.28
C LYS A 7 11.32 -24.49 -22.83
N GLY A 8 10.22 -24.63 -22.11
CA GLY A 8 9.80 -25.98 -21.71
C GLY A 8 9.43 -26.07 -20.25
N THR A 9 8.75 -27.13 -19.85
CA THR A 9 8.35 -27.31 -18.44
C THR A 9 9.46 -28.12 -17.74
N LEU A 10 9.45 -28.13 -16.41
CA LEU A 10 10.44 -28.92 -15.65
C LEU A 10 10.29 -30.39 -16.04
N GLU A 11 9.03 -30.81 -16.10
CA GLU A 11 8.72 -32.19 -16.48
C GLU A 11 9.34 -32.54 -17.83
N ALA A 12 9.20 -31.67 -18.81
CA ALA A 12 9.74 -31.92 -20.14
C ALA A 12 11.27 -31.84 -20.19
N LEU A 13 11.84 -30.91 -19.42
CA LEU A 13 13.28 -30.77 -19.45
C LEU A 13 14.02 -31.71 -18.49
N ASP A 14 13.27 -32.53 -17.78
CA ASP A 14 13.86 -33.44 -16.79
C ASP A 14 15.15 -34.11 -17.21
N PRO A 15 15.23 -34.60 -18.46
CA PRO A 15 16.44 -35.26 -18.99
C PRO A 15 17.73 -34.44 -18.91
N ILE A 16 17.62 -33.11 -18.97
CA ILE A 16 18.82 -32.30 -18.93
C ILE A 16 19.06 -31.53 -17.63
N LEU A 17 18.21 -31.70 -16.62
CA LEU A 17 18.41 -30.98 -15.36
C LEU A 17 19.72 -31.40 -14.71
N PRO A 18 20.02 -32.72 -14.71
CA PRO A 18 21.28 -33.15 -14.09
C PRO A 18 22.46 -32.39 -14.69
N GLY A 19 22.41 -32.19 -16.02
CA GLY A 19 23.47 -31.48 -16.72
C GLY A 19 23.60 -30.03 -16.35
N LEU A 20 22.48 -29.41 -16.03
CA LEU A 20 22.51 -28.00 -15.63
C LEU A 20 23.13 -27.92 -14.24
N PHE A 21 22.78 -28.85 -13.35
CA PHE A 21 23.35 -28.83 -12.01
C PHE A 21 24.87 -29.12 -12.08
N ASP A 22 25.25 -30.13 -12.86
CA ASP A 22 26.68 -30.42 -13.04
C ASP A 22 27.41 -29.19 -13.58
N GLY A 23 26.70 -28.43 -14.42
CA GLY A 23 27.30 -27.25 -15.01
C GLY A 23 27.35 -26.15 -13.97
N GLY A 24 26.88 -26.45 -12.76
CA GLY A 24 26.94 -25.45 -11.71
C GLY A 24 25.70 -24.64 -11.38
N ALA A 25 24.53 -25.05 -11.90
CA ALA A 25 23.32 -24.31 -11.57
C ALA A 25 23.10 -24.43 -10.06
N ARG A 26 22.78 -23.33 -9.39
CA ARG A 26 22.50 -23.32 -7.97
C ARG A 26 20.99 -23.14 -7.72
N GLY A 27 20.25 -22.76 -8.76
CA GLY A 27 18.81 -22.54 -8.58
C GLY A 27 18.09 -22.85 -9.88
N LEU A 28 16.83 -23.32 -9.78
CA LEU A 28 16.01 -23.62 -10.97
C LEU A 28 14.61 -23.20 -10.63
N TRP A 29 13.89 -22.69 -11.63
CA TRP A 29 12.53 -22.25 -11.44
C TRP A 29 11.74 -22.42 -12.73
N GLU A 30 10.53 -22.98 -12.62
CA GLU A 30 9.66 -23.09 -13.80
C GLU A 30 8.89 -21.79 -13.74
N ARG A 31 8.95 -21.02 -14.82
CA ARG A 31 8.31 -19.73 -14.89
C ARG A 31 7.56 -19.67 -16.24
N GLU A 32 6.24 -19.86 -16.19
CA GLU A 32 5.38 -19.82 -17.38
C GLU A 32 5.90 -20.57 -18.60
N GLY A 33 5.98 -21.87 -18.51
CA GLY A 33 6.45 -22.62 -19.66
C GLY A 33 7.92 -22.47 -20.08
N GLU A 34 8.76 -22.01 -19.16
CA GLU A 34 10.21 -21.89 -19.37
C GLU A 34 10.84 -22.35 -18.04
N VAL A 35 12.05 -22.88 -18.12
CA VAL A 35 12.80 -23.28 -16.93
C VAL A 35 13.97 -22.27 -16.94
N TRP A 36 14.15 -21.58 -15.80
CA TRP A 36 15.24 -20.60 -15.62
C TRP A 36 16.25 -21.26 -14.67
N ALA A 37 17.50 -21.40 -15.10
CA ALA A 37 18.54 -22.04 -14.29
C ALA A 37 19.51 -20.90 -13.92
N PHE A 38 19.89 -20.84 -12.64
CA PHE A 38 20.65 -19.70 -12.13
C PHE A 38 22.09 -20.10 -11.82
N PHE A 39 23.00 -19.27 -12.30
CA PHE A 39 24.45 -19.53 -12.17
C PHE A 39 25.20 -18.29 -11.77
N PRO A 40 26.41 -18.47 -11.24
CA PRO A 40 27.24 -17.34 -10.83
C PRO A 40 27.56 -16.53 -12.08
N ALA A 41 27.87 -17.23 -13.18
CA ALA A 41 28.20 -16.60 -14.46
C ALA A 41 27.98 -17.56 -15.63
N PRO A 42 27.91 -17.06 -16.87
CA PRO A 42 27.70 -18.00 -18.00
C PRO A 42 28.75 -19.11 -18.15
N VAL A 43 28.32 -20.32 -18.47
CA VAL A 43 29.24 -21.44 -18.71
C VAL A 43 28.79 -22.10 -20.02
N ASP A 44 29.63 -22.92 -20.61
CA ASP A 44 29.25 -23.52 -21.87
C ASP A 44 28.29 -24.69 -21.69
N LEU A 45 27.09 -24.52 -22.24
CA LEU A 45 26.05 -25.57 -22.16
C LEU A 45 25.47 -25.83 -23.54
N PRO A 46 25.28 -27.12 -23.88
CA PRO A 46 24.74 -27.61 -25.17
C PRO A 46 23.23 -27.54 -25.35
N TYR A 47 22.53 -27.12 -24.31
CA TYR A 47 21.09 -27.12 -24.30
C TYR A 47 20.36 -26.04 -25.12
N GLU A 48 21.11 -25.13 -25.70
CA GLU A 48 20.54 -24.08 -26.54
C GLU A 48 19.64 -23.10 -25.78
N GLY A 49 19.99 -22.84 -24.52
CA GLY A 49 19.24 -21.87 -23.77
C GLY A 49 19.90 -20.54 -24.01
N VAL A 50 19.34 -19.49 -23.41
CA VAL A 50 19.87 -18.15 -23.56
C VAL A 50 20.31 -17.55 -22.19
N TRP A 51 21.53 -17.00 -22.16
CA TRP A 51 22.07 -16.40 -20.91
C TRP A 51 21.66 -14.94 -20.77
N GLU A 52 21.35 -14.53 -19.56
CA GLU A 52 21.07 -13.14 -19.30
C GLU A 52 21.39 -12.87 -17.84
N GLU A 53 22.01 -11.73 -17.58
CA GLU A 53 22.39 -11.38 -16.22
C GLU A 53 21.16 -10.89 -15.48
N VAL A 54 21.01 -11.34 -14.22
CA VAL A 54 19.87 -10.96 -13.36
C VAL A 54 20.07 -9.60 -12.74
N GLY A 55 19.08 -8.73 -12.83
CA GLY A 55 19.17 -7.40 -12.23
C GLY A 55 18.06 -7.14 -11.22
N ASP A 56 18.04 -5.94 -10.66
CA ASP A 56 17.00 -5.55 -9.71
C ASP A 56 15.58 -5.65 -10.30
N GLU A 57 15.45 -5.30 -11.57
CA GLU A 57 14.14 -5.38 -12.21
C GLU A 57 13.62 -6.81 -12.26
N ASP A 58 14.53 -7.77 -12.43
CA ASP A 58 14.12 -9.17 -12.47
C ASP A 58 13.63 -9.58 -11.09
N TRP A 59 14.30 -9.09 -10.05
CA TRP A 59 13.94 -9.39 -8.68
C TRP A 59 12.57 -8.80 -8.41
N LEU A 60 12.35 -7.57 -8.86
CA LEU A 60 11.05 -6.92 -8.65
C LEU A 60 9.93 -7.68 -9.32
N GLU A 61 10.13 -8.08 -10.57
CA GLU A 61 9.12 -8.80 -11.30
C GLU A 61 8.79 -10.12 -10.61
N ALA A 62 9.82 -10.86 -10.18
CA ALA A 62 9.63 -12.13 -9.49
C ALA A 62 8.83 -11.93 -8.21
N TRP A 63 9.22 -10.93 -7.44
CA TRP A 63 8.52 -10.66 -6.23
C TRP A 63 7.04 -10.34 -6.55
N ARG A 64 6.84 -9.45 -7.52
CA ARG A 64 5.49 -9.05 -7.95
C ARG A 64 4.62 -10.26 -8.25
N ARG A 65 5.18 -11.23 -8.97
CA ARG A 65 4.43 -12.43 -9.33
C ARG A 65 4.08 -13.27 -8.11
N ASP A 66 4.75 -13.06 -6.98
CA ASP A 66 4.47 -13.84 -5.78
C ASP A 66 3.41 -13.14 -4.91
N LEU A 67 3.00 -11.95 -5.31
CA LEU A 67 2.01 -11.22 -4.52
C LEU A 67 0.60 -11.84 -4.55
N LYS A 68 -0.04 -11.83 -3.40
CA LYS A 68 -1.39 -12.36 -3.23
C LYS A 68 -2.32 -11.28 -2.62
N PRO A 69 -3.65 -11.42 -2.82
CA PRO A 69 -4.59 -10.43 -2.27
C PRO A 69 -4.39 -10.26 -0.77
N ALA A 70 -4.63 -9.05 -0.25
CA ALA A 70 -4.46 -8.82 1.18
C ALA A 70 -5.74 -8.25 1.77
N LEU A 71 -6.29 -9.00 2.72
CA LEU A 71 -7.52 -8.63 3.37
C LEU A 71 -7.42 -7.50 4.37
N ALA A 72 -8.37 -6.59 4.31
CA ALA A 72 -8.41 -5.48 5.24
C ALA A 72 -9.88 -5.14 5.28
N PRO A 73 -10.65 -6.00 5.97
CA PRO A 73 -12.10 -5.90 6.16
C PRO A 73 -12.50 -4.44 6.36
N PRO A 74 -13.48 -3.96 5.60
CA PRO A 74 -14.25 -4.68 4.57
C PRO A 74 -13.62 -4.80 3.17
N PHE A 75 -12.35 -4.41 3.03
CA PHE A 75 -11.68 -4.43 1.75
C PHE A 75 -10.75 -5.59 1.52
N VAL A 76 -10.38 -5.72 0.27
CA VAL A 76 -9.35 -6.69 -0.13
C VAL A 76 -8.44 -5.89 -1.10
N VAL A 77 -7.14 -5.84 -0.78
CA VAL A 77 -6.21 -5.10 -1.62
C VAL A 77 -5.67 -6.10 -2.65
N LEU A 78 -5.76 -5.71 -3.92
CA LEU A 78 -5.37 -6.54 -5.04
C LEU A 78 -4.37 -5.87 -5.97
N ALA A 79 -3.46 -6.68 -6.52
CA ALA A 79 -2.50 -6.20 -7.52
C ALA A 79 -3.41 -6.09 -8.75
N PRO A 80 -3.07 -5.24 -9.72
CA PRO A 80 -3.88 -5.06 -10.94
C PRO A 80 -4.19 -6.36 -11.70
N TRP A 81 -3.35 -7.37 -11.47
CA TRP A 81 -3.54 -8.64 -12.14
C TRP A 81 -4.25 -9.69 -11.30
N HIS A 82 -4.73 -9.31 -10.12
CA HIS A 82 -5.41 -10.29 -9.29
C HIS A 82 -6.90 -10.40 -9.63
N THR A 83 -7.47 -11.58 -9.42
CA THR A 83 -8.92 -11.77 -9.63
C THR A 83 -9.40 -12.07 -8.22
N TRP A 84 -10.64 -11.71 -7.91
CA TRP A 84 -11.17 -11.96 -6.59
C TRP A 84 -12.66 -12.16 -6.68
N GLU A 85 -13.13 -13.27 -6.12
CA GLU A 85 -14.54 -13.59 -6.18
C GLU A 85 -15.28 -13.49 -4.86
N GLY A 86 -14.68 -12.81 -3.88
CA GLY A 86 -15.33 -12.65 -2.58
C GLY A 86 -16.30 -11.47 -2.47
N ALA A 87 -16.81 -11.25 -1.26
CA ALA A 87 -17.73 -10.17 -1.00
C ALA A 87 -17.00 -8.85 -0.72
N GLU A 88 -15.77 -8.93 -0.23
CA GLU A 88 -14.96 -7.74 0.12
C GLU A 88 -14.88 -6.67 -0.95
N ILE A 89 -14.79 -5.41 -0.52
CA ILE A 89 -14.68 -4.31 -1.46
C ILE A 89 -13.24 -4.31 -2.00
N PRO A 90 -13.09 -4.49 -3.33
CA PRO A 90 -11.75 -4.51 -3.94
C PRO A 90 -11.07 -3.16 -4.01
N LEU A 91 -9.76 -3.18 -3.76
CA LEU A 91 -8.97 -1.97 -3.79
C LEU A 91 -7.78 -2.37 -4.63
N VAL A 92 -7.77 -1.93 -5.88
CA VAL A 92 -6.68 -2.31 -6.77
C VAL A 92 -5.54 -1.32 -6.69
N ILE A 93 -4.38 -1.82 -6.24
CA ILE A 93 -3.22 -0.96 -6.06
C ILE A 93 -1.96 -1.50 -6.74
N GLU A 94 -1.39 -0.72 -7.65
CA GLU A 94 -0.15 -1.09 -8.35
C GLU A 94 0.94 -1.26 -7.26
N PRO A 95 1.48 -2.48 -7.10
CA PRO A 95 2.52 -2.79 -6.11
C PRO A 95 3.67 -1.77 -6.10
N GLY A 102 -0.94 -1.62 0.28
CA GLY A 102 -1.73 -2.19 1.35
C GLY A 102 -1.12 -3.40 2.04
N HIS A 103 0.22 -3.42 2.10
CA HIS A 103 0.98 -4.51 2.72
C HIS A 103 1.29 -4.22 4.19
N HIS A 104 1.20 -2.95 4.56
CA HIS A 104 1.50 -2.56 5.90
C HIS A 104 0.34 -2.66 6.88
N GLU A 105 0.71 -2.86 8.12
CA GLU A 105 -0.20 -2.96 9.23
C GLU A 105 -0.99 -1.67 9.37
N THR A 106 -0.31 -0.55 9.18
CA THR A 106 -0.92 0.77 9.36
C THR A 106 -1.98 1.09 8.32
N THR A 107 -1.70 0.71 7.08
CA THR A 107 -2.65 0.90 5.99
C THR A 107 -3.90 0.08 6.27
N ARG A 108 -3.68 -1.14 6.75
CA ARG A 108 -4.75 -2.02 7.13
C ARG A 108 -5.58 -1.44 8.28
N LEU A 109 -4.92 -0.90 9.31
CA LEU A 109 -5.63 -0.34 10.45
C LEU A 109 -6.49 0.82 9.94
N ALA A 110 -5.90 1.60 9.03
CA ALA A 110 -6.53 2.79 8.51
C ALA A 110 -7.78 2.48 7.68
N LEU A 111 -7.71 1.43 6.87
CA LEU A 111 -8.82 1.02 6.04
C LEU A 111 -10.00 0.52 6.90
N LYS A 112 -9.72 -0.24 7.97
CA LYS A 112 -10.79 -0.74 8.81
C LYS A 112 -11.43 0.38 9.61
N ALA A 113 -10.61 1.30 10.11
CA ALA A 113 -11.10 2.46 10.85
C ALA A 113 -11.93 3.37 9.93
N LEU A 114 -11.43 3.63 8.72
CA LEU A 114 -12.15 4.44 7.76
C LEU A 114 -13.58 3.91 7.55
N ALA A 115 -13.73 2.59 7.33
CA ALA A 115 -15.07 2.05 7.11
C ALA A 115 -15.98 2.32 8.29
N ARG A 116 -15.44 2.34 9.52
CA ARG A 116 -16.28 2.62 10.66
C ARG A 116 -16.63 4.08 10.83
N HIS A 117 -15.66 4.96 10.61
CA HIS A 117 -15.91 6.38 10.88
C HIS A 117 -16.40 7.23 9.73
N LEU A 118 -16.22 6.74 8.53
CA LEU A 118 -16.62 7.47 7.35
C LEU A 118 -18.08 7.13 7.01
N ARG A 119 -18.83 8.12 6.56
CA ARG A 119 -20.25 7.90 6.18
C ARG A 119 -20.40 8.38 4.74
N PRO A 120 -21.35 7.78 3.96
CA PRO A 120 -21.56 8.22 2.57
C PRO A 120 -21.78 9.74 2.56
N GLY A 121 -21.16 10.44 1.60
CA GLY A 121 -21.30 11.89 1.52
C GLY A 121 -20.29 12.73 2.34
N ASP A 122 -19.48 12.06 3.15
CA ASP A 122 -18.48 12.78 3.96
C ASP A 122 -17.29 13.26 3.08
N LYS A 123 -16.76 14.43 3.44
CA LYS A 123 -15.64 15.05 2.79
C LYS A 123 -14.43 14.57 3.58
N VAL A 124 -13.48 13.99 2.86
CA VAL A 124 -12.28 13.39 3.48
C VAL A 124 -10.93 13.94 3.03
N LEU A 125 -10.00 14.06 3.98
CA LEU A 125 -8.63 14.51 3.70
C LEU A 125 -7.76 13.32 4.05
N ASP A 126 -7.02 12.84 3.06
CA ASP A 126 -6.10 11.72 3.26
C ASP A 126 -4.72 12.46 3.21
N LEU A 127 -4.18 12.72 4.39
CA LEU A 127 -2.93 13.46 4.50
C LEU A 127 -1.73 12.54 4.39
N GLY A 128 -0.95 12.71 3.33
CA GLY A 128 0.22 11.86 3.08
C GLY A 128 -0.33 10.66 2.34
N THR A 129 -1.06 10.96 1.27
CA THR A 129 -1.79 9.94 0.47
C THR A 129 -0.95 8.85 -0.19
N GLY A 130 0.31 9.14 -0.56
CA GLY A 130 1.11 8.09 -1.18
C GLY A 130 0.49 7.46 -2.44
N SER A 131 0.30 6.15 -2.41
CA SER A 131 -0.31 5.37 -3.49
C SER A 131 -1.78 5.81 -3.75
N GLY A 132 -2.35 6.59 -2.81
CA GLY A 132 -3.75 7.05 -2.87
C GLY A 132 -4.75 6.02 -2.34
N VAL A 133 -4.25 4.91 -1.76
CA VAL A 133 -5.13 3.84 -1.29
C VAL A 133 -6.24 4.27 -0.34
N LEU A 134 -5.92 5.16 0.62
CA LEU A 134 -6.94 5.56 1.57
C LEU A 134 -8.00 6.46 0.92
N ALA A 135 -7.55 7.39 0.07
CA ALA A 135 -8.45 8.28 -0.63
C ALA A 135 -9.38 7.46 -1.52
N ILE A 136 -8.84 6.43 -2.13
CA ILE A 136 -9.59 5.56 -3.01
C ILE A 136 -10.65 4.77 -2.26
N ALA A 137 -10.26 4.21 -1.11
CA ALA A 137 -11.16 3.45 -0.23
C ALA A 137 -12.27 4.42 0.22
N ALA A 138 -11.90 5.67 0.52
CA ALA A 138 -12.91 6.66 0.98
C ALA A 138 -14.02 6.87 -0.10
N GLU A 139 -13.61 7.08 -1.35
CA GLU A 139 -14.56 7.22 -2.48
C GLU A 139 -15.40 5.91 -2.60
N LYS A 140 -14.77 4.74 -2.49
CA LYS A 140 -15.51 3.46 -2.56
C LYS A 140 -16.58 3.32 -1.45
N LEU A 141 -16.36 4.00 -0.32
CA LEU A 141 -17.27 3.98 0.81
C LEU A 141 -18.36 5.07 0.66
N GLY A 142 -18.27 5.85 -0.41
CA GLY A 142 -19.29 6.87 -0.66
C GLY A 142 -18.84 8.23 -0.20
N GLY A 143 -17.57 8.36 0.14
CA GLY A 143 -17.09 9.68 0.55
C GLY A 143 -16.52 10.42 -0.66
N LYS A 144 -16.11 11.68 -0.46
CA LYS A 144 -15.49 12.55 -1.47
C LYS A 144 -14.15 12.93 -0.80
N ALA A 145 -13.06 12.49 -1.40
CA ALA A 145 -11.76 12.63 -0.81
C ALA A 145 -10.77 13.49 -1.58
N LEU A 146 -9.89 14.12 -0.81
CA LEU A 146 -8.75 14.87 -1.35
C LEU A 146 -7.52 14.16 -0.72
N GLY A 147 -6.59 13.71 -1.57
CA GLY A 147 -5.37 13.09 -1.06
C GLY A 147 -4.25 14.10 -1.33
N VAL A 148 -3.52 14.50 -0.29
CA VAL A 148 -2.36 15.38 -0.50
C VAL A 148 -1.05 14.67 -0.09
N ASP A 149 0.04 15.01 -0.77
CA ASP A 149 1.33 14.43 -0.41
C ASP A 149 2.41 15.49 -0.69
N ILE A 150 3.40 15.57 0.18
CA ILE A 150 4.48 16.55 -0.07
C ILE A 150 5.43 16.13 -1.17
N ASP A 151 5.37 14.86 -1.54
CA ASP A 151 6.20 14.30 -2.57
C ASP A 151 5.40 14.25 -3.88
N PRO A 152 5.66 15.22 -4.77
CA PRO A 152 4.93 15.24 -6.05
C PRO A 152 5.00 13.95 -6.88
N MET A 153 6.10 13.21 -6.73
CA MET A 153 6.28 11.99 -7.52
C MET A 153 5.26 10.90 -7.32
N VAL A 154 4.57 10.90 -6.18
CA VAL A 154 3.57 9.87 -5.94
C VAL A 154 2.23 10.20 -6.58
N LEU A 155 2.01 11.47 -6.88
CA LEU A 155 0.75 11.85 -7.43
C LEU A 155 0.28 11.13 -8.70
N PRO A 156 1.17 10.93 -9.69
CA PRO A 156 0.76 10.22 -10.91
C PRO A 156 0.32 8.77 -10.68
N GLN A 157 1.02 8.07 -9.79
CA GLN A 157 0.68 6.69 -9.49
C GLN A 157 -0.67 6.64 -8.71
N ALA A 158 -0.91 7.65 -7.86
CA ALA A 158 -2.14 7.74 -7.09
C ALA A 158 -3.29 7.94 -8.09
N GLU A 159 -3.10 8.91 -8.98
CA GLU A 159 -4.08 9.17 -10.04
C GLU A 159 -4.37 7.87 -10.82
N ALA A 160 -3.32 7.12 -11.17
CA ALA A 160 -3.52 5.89 -11.92
C ALA A 160 -4.24 4.79 -11.11
N ASN A 161 -3.95 4.67 -9.81
CA ASN A 161 -4.62 3.69 -8.99
C ASN A 161 -6.11 4.06 -8.93
N ALA A 162 -6.38 5.33 -8.76
CA ALA A 162 -7.79 5.77 -8.66
C ALA A 162 -8.55 5.26 -9.89
N LYS A 163 -8.02 5.61 -11.05
CA LYS A 163 -8.60 5.22 -12.32
C LYS A 163 -8.83 3.73 -12.41
N ARG A 164 -7.86 2.92 -11.95
CA ARG A 164 -8.03 1.45 -11.97
C ARG A 164 -9.19 1.05 -11.07
N ASN A 165 -9.48 1.87 -10.06
CA ASN A 165 -10.58 1.56 -9.15
C ASN A 165 -11.94 2.18 -9.52
N GLY A 166 -12.00 2.87 -10.66
CA GLY A 166 -13.24 3.46 -11.11
C GLY A 166 -13.71 4.60 -10.22
N VAL A 167 -12.77 5.26 -9.53
CA VAL A 167 -13.12 6.40 -8.67
C VAL A 167 -12.24 7.60 -8.98
N ARG A 168 -12.62 8.77 -8.48
CA ARG A 168 -11.81 9.91 -8.77
C ARG A 168 -11.65 10.91 -7.64
N PRO A 169 -10.80 10.57 -6.63
CA PRO A 169 -10.57 11.53 -5.55
C PRO A 169 -9.77 12.63 -6.24
N ARG A 170 -9.55 13.72 -5.52
CA ARG A 170 -8.77 14.86 -6.00
C ARG A 170 -7.37 14.60 -5.38
N PHE A 171 -6.29 14.83 -6.12
CA PHE A 171 -4.94 14.65 -5.59
C PHE A 171 -4.19 15.95 -5.78
N LEU A 172 -3.41 16.30 -4.77
CA LEU A 172 -2.73 17.57 -4.76
C LEU A 172 -1.36 17.53 -4.05
N GLU A 173 -0.39 18.28 -4.57
CA GLU A 173 0.91 18.31 -3.93
C GLU A 173 0.88 19.23 -2.72
N GLY A 174 1.39 18.76 -1.60
CA GLY A 174 1.42 19.65 -0.46
C GLY A 174 1.06 18.92 0.79
N SER A 175 0.72 19.69 1.80
CA SER A 175 0.34 19.10 3.08
C SER A 175 -0.94 19.71 3.57
N LEU A 176 -1.10 19.71 4.87
CA LEU A 176 -2.27 20.23 5.52
C LEU A 176 -2.65 21.64 5.09
N GLU A 177 -1.69 22.58 5.09
CA GLU A 177 -2.04 23.94 4.68
C GLU A 177 -2.58 23.98 3.26
N ALA A 178 -2.05 23.13 2.39
CA ALA A 178 -2.50 23.11 1.00
C ALA A 178 -3.94 22.60 0.88
N ALA A 179 -4.34 21.82 1.88
CA ALA A 179 -5.66 21.22 1.86
C ALA A 179 -6.78 22.13 2.34
N LEU A 180 -6.46 23.03 3.26
CA LEU A 180 -7.45 23.92 3.86
C LEU A 180 -8.48 24.56 2.93
N PRO A 181 -8.06 25.10 1.79
CA PRO A 181 -9.00 25.72 0.85
C PRO A 181 -10.12 24.77 0.40
N PHE A 182 -9.92 23.48 0.59
CA PHE A 182 -10.91 22.51 0.18
C PHE A 182 -11.72 22.02 1.34
N GLY A 183 -11.39 22.48 2.53
CA GLY A 183 -12.10 22.04 3.72
C GLY A 183 -13.13 23.06 4.15
N PRO A 184 -13.59 22.99 5.40
CA PRO A 184 -13.16 21.99 6.38
C PRO A 184 -13.71 20.62 5.94
N PHE A 185 -13.18 19.56 6.53
CA PHE A 185 -13.54 18.21 6.17
C PHE A 185 -14.29 17.54 7.29
N ASP A 186 -15.03 16.49 6.94
CA ASP A 186 -15.76 15.70 7.94
C ASP A 186 -14.78 14.73 8.60
N LEU A 187 -13.80 14.30 7.82
CA LEU A 187 -12.89 13.30 8.38
C LEU A 187 -11.50 13.47 7.77
N LEU A 188 -10.50 13.26 8.63
CA LEU A 188 -9.09 13.33 8.17
C LEU A 188 -8.47 11.98 8.53
N VAL A 189 -7.72 11.40 7.61
CA VAL A 189 -7.05 10.14 7.92
C VAL A 189 -5.56 10.49 7.57
N ALA A 190 -4.68 10.14 8.49
CA ALA A 190 -3.24 10.47 8.35
C ALA A 190 -2.35 9.35 8.84
N ASN A 191 -1.74 8.63 7.91
CA ASN A 191 -0.83 7.54 8.22
C ASN A 191 0.58 8.19 8.15
N LEU A 192 1.03 8.72 9.28
CA LEU A 192 2.31 9.43 9.34
C LEU A 192 3.18 8.81 10.43
N TYR A 193 3.45 9.56 11.50
CA TYR A 193 4.20 9.01 12.64
C TYR A 193 3.86 9.86 13.86
N ALA A 194 3.98 9.30 15.05
CA ALA A 194 3.57 9.96 16.29
C ALA A 194 4.03 11.39 16.54
N GLU A 195 5.31 11.65 16.36
CA GLU A 195 5.78 13.02 16.60
C GLU A 195 5.20 14.03 15.63
N LEU A 196 4.94 13.62 14.39
CA LEU A 196 4.36 14.54 13.44
C LEU A 196 2.89 14.82 13.80
N HIS A 197 2.18 13.77 14.21
CA HIS A 197 0.77 13.95 14.62
C HIS A 197 0.75 14.93 15.80
N ALA A 198 1.65 14.70 16.78
CA ALA A 198 1.72 15.55 17.96
C ALA A 198 1.89 17.02 17.57
N ALA A 199 2.80 17.32 16.67
CA ALA A 199 2.97 18.70 16.23
C ALA A 199 1.75 19.22 15.46
N LEU A 200 1.08 18.36 14.69
CA LEU A 200 -0.07 18.85 13.90
C LEU A 200 -1.43 18.89 14.61
N ALA A 201 -1.54 18.28 15.80
CA ALA A 201 -2.79 18.22 16.56
C ALA A 201 -3.63 19.51 16.50
N PRO A 202 -3.01 20.66 16.78
CA PRO A 202 -3.83 21.88 16.71
C PRO A 202 -4.38 22.20 15.34
N ARG A 203 -3.62 21.90 14.29
CA ARG A 203 -4.08 22.18 12.93
C ARG A 203 -5.08 21.11 12.47
N TYR A 204 -5.00 19.94 13.07
CA TYR A 204 -5.96 18.88 12.74
C TYR A 204 -7.34 19.42 13.18
N ARG A 205 -7.38 19.97 14.39
CA ARG A 205 -8.64 20.53 14.88
C ARG A 205 -9.17 21.58 13.90
N GLU A 206 -8.28 22.41 13.38
CA GLU A 206 -8.73 23.45 12.46
C GLU A 206 -9.23 22.94 11.13
N ALA A 207 -8.68 21.81 10.69
CA ALA A 207 -9.06 21.25 9.39
C ALA A 207 -10.42 20.55 9.36
N LEU A 208 -10.99 20.32 10.52
CA LEU A 208 -12.25 19.57 10.64
C LEU A 208 -13.39 20.40 11.14
N VAL A 209 -14.60 20.01 10.71
CA VAL A 209 -15.84 20.63 11.15
C VAL A 209 -16.12 20.15 12.58
N PRO A 210 -16.96 20.90 13.32
CA PRO A 210 -17.29 20.47 14.69
C PRO A 210 -17.90 19.07 14.51
N GLY A 211 -17.55 18.15 15.41
CA GLY A 211 -18.06 16.79 15.29
C GLY A 211 -17.25 15.95 14.31
N GLY A 212 -16.24 16.57 13.67
CA GLY A 212 -15.40 15.87 12.70
C GLY A 212 -14.54 14.77 13.29
N ARG A 213 -13.90 13.96 12.44
CA ARG A 213 -13.14 12.79 12.92
C ARG A 213 -11.68 12.85 12.42
N ALA A 214 -10.75 12.37 13.25
CA ALA A 214 -9.33 12.32 12.89
C ALA A 214 -8.86 10.87 13.17
N LEU A 215 -8.44 10.17 12.12
CA LEU A 215 -7.98 8.77 12.26
C LEU A 215 -6.44 8.83 12.05
N LEU A 216 -5.69 8.62 13.12
CA LEU A 216 -4.23 8.74 13.07
C LEU A 216 -3.46 7.42 13.21
N THR A 217 -2.58 7.13 12.26
CA THR A 217 -1.82 5.91 12.40
C THR A 217 -0.36 6.13 11.98
N GLY A 218 0.40 5.06 11.82
CA GLY A 218 1.83 5.21 11.55
C GLY A 218 2.46 5.42 12.96
N ILE A 219 1.68 5.12 13.99
CA ILE A 219 2.11 5.34 15.39
C ILE A 219 2.67 4.08 16.02
N LEU A 220 3.90 4.15 16.57
CA LEU A 220 4.46 2.95 17.25
C LEU A 220 3.88 2.92 18.67
N LYS A 221 3.63 1.75 19.21
CA LYS A 221 3.08 1.66 20.57
C LYS A 221 3.85 2.49 21.58
N ASP A 222 5.18 2.44 21.55
CA ASP A 222 6.02 3.22 22.51
C ASP A 222 5.82 4.72 22.40
N ARG A 223 5.24 5.20 21.30
CA ARG A 223 5.02 6.63 21.10
C ARG A 223 3.55 7.01 21.17
N ALA A 224 2.67 6.05 21.41
CA ALA A 224 1.23 6.37 21.46
C ALA A 224 0.94 7.53 22.44
N PRO A 225 1.57 7.50 23.63
CA PRO A 225 1.37 8.55 24.64
C PRO A 225 1.51 9.96 24.13
N LEU A 226 2.46 10.15 23.23
CA LEU A 226 2.68 11.46 22.65
C LEU A 226 1.46 11.98 21.92
N VAL A 227 0.81 11.06 21.20
CA VAL A 227 -0.36 11.48 20.41
C VAL A 227 -1.56 11.69 21.32
N ARG A 228 -1.78 10.78 22.28
CA ARG A 228 -2.92 10.92 23.22
C ARG A 228 -2.85 12.29 23.88
N GLU A 229 -1.66 12.63 24.39
CA GLU A 229 -1.45 13.91 25.02
C GLU A 229 -1.68 15.14 24.12
N ALA A 230 -1.13 15.14 22.89
CA ALA A 230 -1.29 16.28 22.00
C ALA A 230 -2.75 16.44 21.54
N MET A 231 -3.41 15.32 21.27
CA MET A 231 -4.80 15.34 20.83
C MET A 231 -5.73 15.78 21.96
N ALA A 232 -5.52 15.25 23.16
CA ALA A 232 -6.34 15.71 24.31
C ALA A 232 -6.02 17.22 24.47
N GLY A 233 -4.73 17.55 24.42
CA GLY A 233 -4.35 18.95 24.51
C GLY A 233 -5.02 19.80 23.45
N ALA A 234 -5.25 19.25 22.25
CA ALA A 234 -5.90 20.02 21.18
C ALA A 234 -7.43 20.03 21.26
N GLY A 235 -8.01 19.40 22.28
CA GLY A 235 -9.45 19.42 22.42
C GLY A 235 -10.22 18.28 21.76
N PHE A 236 -9.52 17.20 21.43
CA PHE A 236 -10.19 16.04 20.80
C PHE A 236 -10.58 15.05 21.88
N ARG A 237 -11.58 14.22 21.60
CA ARG A 237 -11.97 13.19 22.55
C ARG A 237 -11.64 11.87 21.83
N PRO A 238 -11.04 10.93 22.55
CA PRO A 238 -10.70 9.64 21.93
C PRO A 238 -11.92 8.79 21.71
N LEU A 239 -11.95 8.12 20.56
CA LEU A 239 -13.09 7.30 20.20
C LEU A 239 -12.80 5.82 20.04
N GLU A 240 -11.58 5.51 19.59
CA GLU A 240 -11.23 4.11 19.33
C GLU A 240 -9.72 3.93 19.19
N GLU A 241 -9.23 2.75 19.55
CA GLU A 241 -7.79 2.44 19.35
C GLU A 241 -7.72 1.03 18.81
N ALA A 242 -6.74 0.77 17.96
CA ALA A 242 -6.57 -0.57 17.43
C ALA A 242 -5.11 -0.68 17.11
N ALA A 243 -4.61 -1.90 17.11
CA ALA A 243 -3.20 -2.05 16.83
C ALA A 243 -3.00 -3.35 16.09
N GLU A 244 -1.87 -3.44 15.39
CA GLU A 244 -1.48 -4.68 14.73
C GLU A 244 0.04 -4.66 14.84
N GLY A 245 0.62 -5.69 15.45
CA GLY A 245 2.05 -5.68 15.61
C GLY A 245 2.40 -4.52 16.52
N GLU A 246 3.42 -3.76 16.17
CA GLU A 246 3.88 -2.62 16.96
C GLU A 246 3.19 -1.33 16.52
N TRP A 247 2.22 -1.48 15.63
CA TRP A 247 1.52 -0.31 15.07
C TRP A 247 0.14 -0.09 15.67
N VAL A 248 -0.17 1.19 15.84
CA VAL A 248 -1.40 1.66 16.47
C VAL A 248 -2.13 2.68 15.61
N LEU A 249 -3.46 2.66 15.70
CA LEU A 249 -4.30 3.68 15.06
C LEU A 249 -5.14 4.27 16.21
N LEU A 250 -5.19 5.60 16.29
CA LEU A 250 -5.97 6.25 17.33
C LEU A 250 -6.97 7.12 16.58
N ALA A 251 -8.25 7.02 16.97
CA ALA A 251 -9.37 7.77 16.33
C ALA A 251 -9.96 8.75 17.33
N TYR A 252 -10.15 9.98 16.87
CA TYR A 252 -10.66 11.05 17.70
C TYR A 252 -11.84 11.78 17.07
N GLY A 253 -12.64 12.42 17.93
CA GLY A 253 -13.76 13.21 17.46
C GLY A 253 -13.42 14.63 17.95
N ARG A 254 -13.79 15.60 17.14
CA ARG A 254 -13.62 17.04 17.39
C ARG A 254 -15.00 17.66 17.77
#